data_2BK0
#
_entry.id   2BK0
#
_cell.length_a   105.878
_cell.length_b   67.947
_cell.length_c   48.001
_cell.angle_alpha   90.00
_cell.angle_beta   91.18
_cell.angle_gamma   90.00
#
_symmetry.space_group_name_H-M   'C 1 2 1'
#
_entity_poly.entity_id   1
_entity_poly.type   'polypeptide(L)'
_entity_poly.pdbx_seq_one_letter_code
;MGVQTHVLELTSSVSAEKIFQGFVIDVDTVLPKAAPGAYKSVEIKGDGGPGTLKIITLPDGGPITTMTLRIDGVNKEALT
FDYSVIDGDILLGFIESIENHVVLVPTADGGSICKTTAIFHTKGDAVVPEENIKYANEQNTALFKALEAYLIAN
;
_entity_poly.pdbx_strand_id   A,B
#
# COMPACT_ATOMS: atom_id res chain seq x y z
N GLY A 2 19.77 23.72 22.29
CA GLY A 2 19.00 22.48 22.57
C GLY A 2 18.45 21.84 21.30
N VAL A 3 17.56 20.88 21.47
CA VAL A 3 17.02 20.10 20.35
C VAL A 3 15.50 19.90 20.52
N GLN A 4 14.75 20.17 19.46
CA GLN A 4 13.29 20.03 19.47
C GLN A 4 12.81 19.30 18.22
N THR A 5 11.88 18.36 18.39
CA THR A 5 11.39 17.53 17.28
C THR A 5 9.94 17.84 16.94
N HIS A 6 9.63 17.97 15.65
CA HIS A 6 8.24 18.05 15.21
C HIS A 6 7.99 17.12 14.03
N VAL A 7 6.84 16.44 14.05
CA VAL A 7 6.48 15.47 13.03
C VAL A 7 5.24 15.92 12.29
N LEU A 8 5.21 15.68 10.98
CA LEU A 8 4.03 15.94 10.15
C LEU A 8 3.72 14.71 9.30
N GLU A 9 2.46 14.29 9.31
CA GLU A 9 2.05 13.11 8.54
C GLU A 9 0.93 13.43 7.55
N LEU A 10 1.13 13.00 6.32
CA LEU A 10 0.29 13.38 5.21
C LEU A 10 -0.16 12.14 4.46
N THR A 11 -1.47 11.95 4.35
CA THR A 11 -1.98 10.81 3.59
C THR A 11 -2.45 11.31 2.23
N SER A 12 -2.06 10.58 1.17
CA SER A 12 -2.49 10.88 -0.18
C SER A 12 -3.18 9.65 -0.76
N SER A 13 -3.92 9.84 -1.85
CA SER A 13 -4.49 8.70 -2.57
C SER A 13 -3.55 8.29 -3.70
N VAL A 14 -2.30 8.73 -3.65
CA VAL A 14 -1.30 8.44 -4.68
C VAL A 14 -0.29 7.44 -4.12
N SER A 15 0.21 6.55 -4.99
CA SER A 15 1.19 5.55 -4.57
C SER A 15 2.50 6.18 -4.07
N ALA A 16 3.14 5.47 -3.14
CA ALA A 16 4.39 5.90 -2.54
C ALA A 16 5.50 6.04 -3.59
N GLU A 17 5.54 5.09 -4.52
CA GLU A 17 6.47 5.15 -5.66
C GLU A 17 6.32 6.46 -6.40
N LYS A 18 5.06 6.79 -6.69
CA LYS A 18 4.74 7.94 -7.53
C LYS A 18 5.04 9.26 -6.83
N ILE A 19 4.79 9.32 -5.53
CA ILE A 19 5.06 10.52 -4.74
C ILE A 19 6.56 10.68 -4.57
N PHE A 20 7.19 9.66 -4.03
CA PHE A 20 8.62 9.65 -3.86
C PHE A 20 9.31 10.13 -5.11
N GLN A 21 8.82 9.69 -6.26
CA GLN A 21 9.35 10.11 -7.56
C GLN A 21 9.25 11.63 -7.77
N GLY A 22 8.04 12.17 -7.65
CA GLY A 22 7.78 13.56 -7.92
C GLY A 22 8.34 14.49 -6.85
N PHE A 23 8.50 13.95 -5.64
CA PHE A 23 8.89 14.74 -4.49
C PHE A 23 10.39 14.78 -4.26
N VAL A 24 11.09 13.78 -4.77
CA VAL A 24 12.51 13.58 -4.46
C VAL A 24 13.36 13.50 -5.72
N ILE A 25 13.05 12.51 -6.56
CA ILE A 25 13.87 12.19 -7.71
C ILE A 25 13.69 13.19 -8.84
N ASP A 26 12.45 13.57 -9.14
CA ASP A 26 12.16 14.50 -10.23
C ASP A 26 11.62 15.85 -9.74
N VAL A 27 11.90 16.18 -8.48
CA VAL A 27 11.35 17.36 -7.83
C VAL A 27 11.78 18.69 -8.49
N ASP A 28 13.02 18.76 -8.97
CA ASP A 28 13.54 19.97 -9.62
C ASP A 28 12.85 20.24 -10.98
N THR A 29 12.12 19.23 -11.46
CA THR A 29 11.32 19.33 -12.68
C THR A 29 9.81 19.46 -12.39
N VAL A 30 9.36 18.85 -11.30
CA VAL A 30 7.94 18.83 -10.97
C VAL A 30 7.51 20.07 -10.22
N LEU A 31 8.31 20.52 -9.26
CA LEU A 31 8.01 21.76 -8.55
C LEU A 31 7.54 22.87 -9.52
N PRO A 32 8.38 23.24 -10.50
CA PRO A 32 8.08 24.41 -11.31
C PRO A 32 6.80 24.26 -12.15
N LYS A 33 6.54 23.03 -12.61
CA LYS A 33 5.33 22.75 -13.39
C LYS A 33 4.07 22.79 -12.52
N ALA A 34 4.20 22.27 -11.30
CA ALA A 34 3.06 22.03 -10.42
C ALA A 34 2.72 23.22 -9.53
N ALA A 35 3.73 24.02 -9.18
CA ALA A 35 3.55 25.15 -8.28
C ALA A 35 4.62 26.20 -8.58
N PRO A 36 4.41 26.98 -9.64
CA PRO A 36 5.43 27.93 -10.10
C PRO A 36 5.71 29.07 -9.10
N GLY A 37 4.66 29.61 -8.49
CA GLY A 37 4.79 30.74 -7.56
C GLY A 37 5.25 30.40 -6.16
N ALA A 38 5.41 29.12 -5.88
CA ALA A 38 5.87 28.67 -4.56
C ALA A 38 7.29 29.15 -4.27
N TYR A 39 8.09 29.33 -5.32
CA TYR A 39 9.45 29.82 -5.17
C TYR A 39 9.77 30.81 -6.30
N LYS A 40 11.02 31.24 -6.37
CA LYS A 40 11.44 32.33 -7.26
C LYS A 40 12.66 31.96 -8.13
N SER A 41 13.66 31.33 -7.51
CA SER A 41 14.89 30.96 -8.20
C SER A 41 15.52 29.72 -7.54
N VAL A 42 16.35 29.02 -8.30
CA VAL A 42 17.10 27.87 -7.79
C VAL A 42 18.47 27.76 -8.47
N GLU A 43 19.51 27.61 -7.66
CA GLU A 43 20.78 27.10 -8.12
C GLU A 43 20.98 25.76 -7.41
N ILE A 44 21.45 24.75 -8.15
CA ILE A 44 21.73 23.43 -7.59
C ILE A 44 23.17 23.02 -7.88
N LYS A 45 24.03 23.04 -6.85
CA LYS A 45 25.41 22.59 -6.98
C LYS A 45 25.56 21.15 -6.49
N GLY A 46 25.84 20.23 -7.41
CA GLY A 46 25.94 18.79 -7.10
C GLY A 46 25.12 17.95 -8.08
N ASP A 47 25.42 16.65 -8.16
CA ASP A 47 24.72 15.74 -9.09
C ASP A 47 23.22 15.58 -8.76
N GLY A 48 22.91 15.46 -7.48
CA GLY A 48 21.54 15.23 -7.03
C GLY A 48 21.54 14.45 -5.74
N GLY A 49 22.41 13.45 -5.66
CA GLY A 49 22.55 12.60 -4.46
C GLY A 49 23.24 13.31 -3.31
N PRO A 50 23.54 12.57 -2.22
CA PRO A 50 24.16 13.12 -1.01
C PRO A 50 25.23 14.17 -1.26
N GLY A 51 25.20 15.26 -0.48
CA GLY A 51 26.15 16.36 -0.64
C GLY A 51 25.64 17.51 -1.47
N THR A 52 24.61 17.25 -2.28
CA THR A 52 24.08 18.24 -3.23
C THR A 52 23.44 19.41 -2.50
N LEU A 53 23.78 20.63 -2.93
CA LEU A 53 23.24 21.85 -2.35
C LEU A 53 22.13 22.40 -3.24
N LYS A 54 21.05 22.88 -2.63
CA LYS A 54 19.98 23.56 -3.36
C LYS A 54 19.72 24.92 -2.71
N ILE A 55 20.25 25.97 -3.32
CA ILE A 55 20.03 27.33 -2.85
C ILE A 55 18.70 27.82 -3.43
N ILE A 56 17.74 28.09 -2.55
CA ILE A 56 16.40 28.51 -2.96
C ILE A 56 16.15 29.98 -2.61
N THR A 57 15.35 30.66 -3.42
CA THR A 57 14.91 32.02 -3.16
C THR A 57 13.37 32.04 -3.19
N LEU A 58 12.77 32.74 -2.24
CA LEU A 58 11.31 32.78 -2.08
C LEU A 58 10.67 34.05 -2.66
N PRO A 59 9.34 34.03 -2.90
CA PRO A 59 8.65 35.22 -3.45
C PRO A 59 8.96 36.50 -2.68
N ASP A 60 8.95 37.62 -3.39
CA ASP A 60 9.41 38.91 -2.83
C ASP A 60 8.79 39.28 -1.49
N GLY A 61 7.46 39.38 -1.44
CA GLY A 61 6.77 39.99 -0.31
C GLY A 61 6.37 39.05 0.82
N GLY A 62 7.30 38.19 1.24
CA GLY A 62 7.02 37.23 2.31
C GLY A 62 7.91 37.47 3.52
N PRO A 63 7.74 36.65 4.58
CA PRO A 63 8.60 36.67 5.75
C PRO A 63 10.05 36.24 5.45
N ILE A 64 10.21 35.00 4.97
CA ILE A 64 11.52 34.41 4.70
C ILE A 64 11.89 34.65 3.24
N THR A 65 13.18 34.85 2.99
CA THR A 65 13.70 35.18 1.65
C THR A 65 14.56 34.05 1.05
N THR A 66 15.40 33.44 1.88
CA THR A 66 16.38 32.47 1.40
C THR A 66 16.37 31.22 2.29
N MET A 67 16.70 30.07 1.69
CA MET A 67 16.98 28.87 2.45
C MET A 67 17.84 27.96 1.59
N THR A 68 18.82 27.30 2.23
CA THR A 68 19.72 26.39 1.54
C THR A 68 19.55 24.98 2.09
N LEU A 69 19.42 24.02 1.18
CA LEU A 69 19.23 22.62 1.54
C LEU A 69 20.43 21.79 1.14
N ARG A 70 20.81 20.88 2.05
CA ARG A 70 21.78 19.84 1.77
C ARG A 70 21.00 18.54 1.72
N ILE A 71 21.29 17.69 0.74
CA ILE A 71 20.73 16.35 0.70
C ILE A 71 21.69 15.43 1.42
N ASP A 72 21.17 14.72 2.43
CA ASP A 72 21.97 13.85 3.31
C ASP A 72 21.91 12.40 2.83
N GLY A 73 20.73 11.99 2.37
CA GLY A 73 20.53 10.64 1.86
C GLY A 73 19.29 10.48 1.01
N VAL A 74 19.37 9.55 0.06
CA VAL A 74 18.23 9.13 -0.75
C VAL A 74 18.27 7.62 -0.86
N ASN A 75 17.23 6.96 -0.36
CA ASN A 75 17.10 5.52 -0.54
C ASN A 75 15.86 5.20 -1.37
N LYS A 76 16.07 4.86 -2.65
CA LYS A 76 14.98 4.60 -3.58
C LYS A 76 14.22 3.35 -3.21
N GLU A 77 14.97 2.34 -2.74
CA GLU A 77 14.39 1.08 -2.32
C GLU A 77 13.64 1.19 -1.00
N ALA A 78 14.01 2.15 -0.16
CA ALA A 78 13.37 2.30 1.13
C ALA A 78 12.29 3.38 1.11
N LEU A 79 12.28 4.21 0.07
CA LEU A 79 11.38 5.37 -0.01
C LEU A 79 11.67 6.32 1.15
N THR A 80 12.94 6.62 1.31
CA THR A 80 13.45 7.40 2.42
C THR A 80 14.27 8.54 1.86
N PHE A 81 14.19 9.70 2.52
CA PHE A 81 14.83 10.89 2.03
C PHE A 81 15.23 11.74 3.23
N ASP A 82 16.49 12.17 3.25
CA ASP A 82 17.03 12.95 4.36
C ASP A 82 17.66 14.23 3.81
N TYR A 83 17.25 15.36 4.39
CA TYR A 83 17.82 16.65 4.01
C TYR A 83 17.82 17.64 5.17
N SER A 84 18.86 18.49 5.21
CA SER A 84 19.01 19.50 6.25
C SER A 84 18.93 20.91 5.66
N VAL A 85 18.37 21.84 6.42
CA VAL A 85 18.52 23.26 6.14
C VAL A 85 19.76 23.76 6.87
N ILE A 86 20.72 24.26 6.11
CA ILE A 86 22.03 24.60 6.65
C ILE A 86 22.33 26.11 6.60
N ASP A 87 21.49 26.87 5.89
CA ASP A 87 21.78 28.28 5.63
C ASP A 87 20.52 29.04 5.20
N GLY A 88 20.59 30.37 5.22
CA GLY A 88 19.48 31.23 4.80
C GLY A 88 18.76 31.83 5.99
N ASP A 89 17.92 32.83 5.72
CA ASP A 89 17.23 33.56 6.81
C ASP A 89 15.95 32.89 7.34
N ILE A 90 15.67 31.67 6.88
CA ILE A 90 14.63 30.83 7.48
C ILE A 90 15.05 30.40 8.90
N LEU A 91 16.36 30.35 9.13
CA LEU A 91 16.91 29.96 10.44
C LEU A 91 16.83 31.10 11.47
N LEU A 92 16.35 32.27 11.05
CA LEU A 92 16.20 33.43 11.93
C LEU A 92 17.59 33.78 12.49
N GLY A 93 17.70 34.04 13.78
CA GLY A 93 19.01 34.12 14.42
C GLY A 93 19.35 32.84 15.17
N PHE A 94 18.35 32.23 15.78
CA PHE A 94 18.55 31.21 16.81
C PHE A 94 18.85 29.78 16.34
N ILE A 95 18.52 29.45 15.09
CA ILE A 95 18.56 28.05 14.64
C ILE A 95 19.83 27.69 13.85
N GLU A 96 20.59 26.73 14.37
CA GLU A 96 21.83 26.30 13.73
C GLU A 96 21.56 25.48 12.48
N SER A 97 20.63 24.54 12.57
CA SER A 97 20.19 23.76 11.39
C SER A 97 18.86 23.04 11.64
N ILE A 98 18.21 22.64 10.55
CA ILE A 98 16.98 21.83 10.63
C ILE A 98 17.21 20.47 9.98
N GLU A 99 17.21 19.42 10.79
CA GLU A 99 17.44 18.05 10.31
C GLU A 99 16.10 17.36 10.01
N ASN A 100 15.87 17.09 8.73
CA ASN A 100 14.61 16.49 8.28
C ASN A 100 14.81 15.07 7.80
N HIS A 101 13.82 14.22 8.06
CA HIS A 101 13.81 12.85 7.58
C HIS A 101 12.39 12.56 7.08
N VAL A 102 12.26 12.16 5.82
CA VAL A 102 10.94 11.81 5.28
C VAL A 102 10.88 10.31 4.98
N VAL A 103 9.72 9.73 5.26
CA VAL A 103 9.49 8.31 5.06
C VAL A 103 8.16 8.13 4.36
N LEU A 104 8.17 7.42 3.23
CA LEU A 104 6.93 7.01 2.56
C LEU A 104 6.61 5.57 2.95
N VAL A 105 5.32 5.29 3.12
CA VAL A 105 4.83 3.98 3.48
C VAL A 105 3.59 3.72 2.64
N PRO A 106 3.50 2.54 2.01
CA PRO A 106 2.29 2.23 1.24
C PRO A 106 1.09 1.92 2.12
N THR A 107 -0.11 2.20 1.61
CA THR A 107 -1.35 1.79 2.31
C THR A 107 -2.17 0.82 1.45
N ALA A 108 -3.15 0.20 2.12
CA ALA A 108 -3.92 -0.89 1.55
C ALA A 108 -4.91 -0.41 0.53
N ASP A 109 -5.26 0.88 0.56
CA ASP A 109 -6.16 1.44 -0.46
C ASP A 109 -5.44 1.84 -1.76
N GLY A 110 -4.12 1.69 -1.79
CA GLY A 110 -3.32 1.97 -2.98
C GLY A 110 -2.67 3.33 -2.93
N GLY A 111 -2.82 4.00 -1.79
CA GLY A 111 -2.23 5.30 -1.57
C GLY A 111 -1.01 5.19 -0.68
N SER A 112 -0.76 6.24 0.09
CA SER A 112 0.49 6.36 0.83
C SER A 112 0.38 7.27 2.03
N ILE A 113 1.32 7.13 2.95
CA ILE A 113 1.50 8.06 4.06
C ILE A 113 2.91 8.62 4.02
N CYS A 114 3.02 9.95 4.02
CA CYS A 114 4.32 10.63 4.05
C CYS A 114 4.51 11.19 5.43
N LYS A 115 5.39 10.56 6.21
CA LYS A 115 5.79 11.05 7.53
C LYS A 115 7.12 11.79 7.39
N THR A 116 7.10 13.09 7.63
CA THR A 116 8.34 13.87 7.68
C THR A 116 8.62 14.26 9.12
N THR A 117 9.86 14.05 9.54
CA THR A 117 10.27 14.33 10.90
C THR A 117 11.35 15.41 10.84
N ALA A 118 11.03 16.58 11.38
CA ALA A 118 11.97 17.69 11.48
C ALA A 118 12.59 17.77 12.88
N ILE A 119 13.90 18.03 12.92
CA ILE A 119 14.62 18.17 14.19
C ILE A 119 15.42 19.48 14.20
N PHE A 120 14.89 20.50 14.88
CA PHE A 120 15.52 21.81 14.96
C PHE A 120 16.69 21.82 15.96
N HIS A 121 17.87 22.20 15.48
CA HIS A 121 19.05 22.35 16.34
C HIS A 121 19.24 23.83 16.65
N THR A 122 18.74 24.23 17.81
CA THR A 122 18.84 25.62 18.25
C THR A 122 20.08 25.79 19.10
N LYS A 123 20.41 27.04 19.42
CA LYS A 123 21.60 27.37 20.20
C LYS A 123 21.20 27.59 21.65
N GLY A 124 21.99 27.07 22.58
CA GLY A 124 21.69 27.25 24.00
C GLY A 124 20.33 26.68 24.36
N ASP A 125 19.59 27.39 25.22
CA ASP A 125 18.25 26.94 25.65
C ASP A 125 17.11 27.39 24.70
N ALA A 126 17.47 27.92 23.53
CA ALA A 126 16.51 28.51 22.61
C ALA A 126 15.44 27.52 22.19
N VAL A 127 14.18 27.96 22.23
CA VAL A 127 13.06 27.14 21.77
C VAL A 127 12.35 27.82 20.61
N VAL A 128 11.96 27.00 19.62
CA VAL A 128 11.18 27.46 18.47
C VAL A 128 9.70 27.58 18.89
N PRO A 129 9.10 28.79 18.77
CA PRO A 129 7.70 29.06 19.09
C PRO A 129 6.67 28.20 18.34
N GLU A 130 5.49 28.06 18.92
CA GLU A 130 4.37 27.36 18.28
C GLU A 130 3.98 28.01 16.94
N GLU A 131 4.03 29.33 16.88
CA GLU A 131 3.60 30.06 15.67
C GLU A 131 4.51 29.77 14.45
N ASN A 132 5.82 29.69 14.67
CA ASN A 132 6.76 29.43 13.58
C ASN A 132 6.65 28.01 13.05
N ILE A 133 6.48 27.05 13.95
CA ILE A 133 6.28 25.64 13.57
C ILE A 133 4.95 25.48 12.86
N LYS A 134 3.93 26.19 13.34
CA LYS A 134 2.59 26.12 12.77
C LYS A 134 2.52 26.73 11.37
N TYR A 135 3.36 27.74 11.11
CA TYR A 135 3.47 28.36 9.79
C TYR A 135 4.05 27.39 8.77
N ALA A 136 5.04 26.60 9.20
CA ALA A 136 5.68 25.62 8.33
C ALA A 136 4.72 24.48 7.99
N ASN A 137 3.91 24.03 8.95
CA ASN A 137 2.92 22.99 8.68
C ASN A 137 1.89 23.49 7.67
N GLU A 138 1.26 24.60 8.02
CA GLU A 138 0.33 25.31 7.13
C GLU A 138 0.88 25.37 5.69
N GLN A 139 2.15 25.82 5.57
CA GLN A 139 2.80 26.01 4.27
C GLN A 139 3.21 24.72 3.60
N ASN A 140 3.93 23.88 4.33
CA ASN A 140 4.42 22.60 3.80
C ASN A 140 3.30 21.72 3.25
N THR A 141 2.17 21.70 3.97
CA THR A 141 0.97 20.99 3.55
C THR A 141 0.52 21.52 2.20
N ALA A 142 0.35 22.84 2.09
CA ALA A 142 -0.06 23.47 0.84
C ALA A 142 0.81 23.06 -0.35
N LEU A 143 2.11 22.94 -0.11
CA LEU A 143 3.03 22.49 -1.15
C LEU A 143 2.78 21.03 -1.56
N PHE A 144 2.56 20.17 -0.56
CA PHE A 144 2.25 18.75 -0.80
C PHE A 144 0.96 18.59 -1.61
N LYS A 145 -0.09 19.30 -1.21
CA LYS A 145 -1.36 19.21 -1.91
C LYS A 145 -1.23 19.73 -3.33
N ALA A 146 -0.37 20.72 -3.54
CA ALA A 146 -0.17 21.28 -4.88
C ALA A 146 0.55 20.29 -5.80
N LEU A 147 1.65 19.69 -5.33
CA LEU A 147 2.32 18.66 -6.11
C LEU A 147 1.33 17.52 -6.36
N GLU A 148 0.79 16.97 -5.27
CA GLU A 148 -0.20 15.89 -5.34
C GLU A 148 -1.17 16.08 -6.49
N ALA A 149 -1.80 17.25 -6.53
CA ALA A 149 -2.75 17.58 -7.58
C ALA A 149 -2.18 17.26 -8.96
N TYR A 150 -1.00 17.83 -9.24
CA TYR A 150 -0.28 17.61 -10.50
C TYR A 150 0.00 16.13 -10.76
N LEU A 151 0.44 15.41 -9.73
CA LEU A 151 0.76 13.99 -9.88
C LEU A 151 -0.45 13.20 -10.30
N ILE A 152 -1.60 13.48 -9.69
CA ILE A 152 -2.87 12.86 -10.09
C ILE A 152 -3.21 13.15 -11.56
N ALA A 153 -3.08 14.41 -11.99
CA ALA A 153 -3.47 14.82 -13.34
C ALA A 153 -2.65 14.17 -14.43
N ASN A 154 -1.37 13.90 -14.15
CA ASN A 154 -0.42 13.43 -15.17
C ASN A 154 0.02 11.98 -14.94
N GLY B 2 -1.42 -37.75 6.75
CA GLY B 2 -0.31 -36.74 6.82
C GLY B 2 -0.77 -35.35 6.40
N VAL B 3 0.20 -34.44 6.27
CA VAL B 3 -0.07 -33.02 6.02
C VAL B 3 0.85 -32.49 4.92
N GLN B 4 0.26 -31.78 3.96
CA GLN B 4 1.00 -31.21 2.84
C GLN B 4 0.56 -29.78 2.59
N THR B 5 1.53 -28.90 2.37
CA THR B 5 1.29 -27.47 2.19
C THR B 5 1.61 -27.03 0.76
N HIS B 6 0.75 -26.17 0.20
CA HIS B 6 1.02 -25.53 -1.10
C HIS B 6 0.67 -24.05 -1.04
N VAL B 7 1.51 -23.21 -1.66
CA VAL B 7 1.32 -21.76 -1.65
C VAL B 7 1.15 -21.24 -3.08
N LEU B 8 0.27 -20.24 -3.22
CA LEU B 8 0.06 -19.52 -4.47
C LEU B 8 0.11 -18.00 -4.23
N GLU B 9 1.05 -17.33 -4.89
CA GLU B 9 1.17 -15.88 -4.84
C GLU B 9 0.85 -15.23 -6.18
N LEU B 10 -0.20 -14.42 -6.22
CA LEU B 10 -0.51 -13.60 -7.40
C LEU B 10 -0.41 -12.12 -7.05
N THR B 11 -0.05 -11.30 -8.03
CA THR B 11 0.07 -9.88 -7.82
C THR B 11 -0.96 -9.18 -8.70
N SER B 12 -1.29 -7.95 -8.35
CA SER B 12 -2.39 -7.24 -8.99
C SER B 12 -2.17 -5.75 -8.98
N SER B 13 -2.70 -5.09 -9.99
CA SER B 13 -2.66 -3.64 -10.11
C SER B 13 -3.72 -2.96 -9.23
N VAL B 14 -4.65 -3.77 -8.69
CA VAL B 14 -5.73 -3.31 -7.80
C VAL B 14 -5.29 -3.32 -6.32
N SER B 15 -5.82 -2.36 -5.56
CA SER B 15 -5.45 -2.22 -4.14
C SER B 15 -5.91 -3.40 -3.28
N ALA B 16 -5.15 -3.66 -2.22
CA ALA B 16 -5.42 -4.79 -1.35
C ALA B 16 -6.80 -4.68 -0.74
N GLU B 17 -7.13 -3.47 -0.30
CA GLU B 17 -8.42 -3.17 0.33
C GLU B 17 -9.61 -3.34 -0.61
N LYS B 18 -9.41 -2.96 -1.87
CA LYS B 18 -10.43 -3.17 -2.90
C LYS B 18 -10.59 -4.67 -3.24
N ILE B 19 -9.48 -5.41 -3.27
CA ILE B 19 -9.53 -6.84 -3.55
C ILE B 19 -10.19 -7.56 -2.39
N PHE B 20 -9.62 -7.36 -1.21
CA PHE B 20 -10.16 -7.95 0.02
C PHE B 20 -11.67 -7.76 0.05
N GLN B 21 -12.09 -6.56 -0.29
CA GLN B 21 -13.51 -6.21 -0.29
C GLN B 21 -14.31 -7.12 -1.21
N GLY B 22 -13.86 -7.23 -2.46
CA GLY B 22 -14.57 -8.03 -3.47
C GLY B 22 -14.41 -9.53 -3.30
N PHE B 23 -13.32 -9.93 -2.65
CA PHE B 23 -12.96 -11.34 -2.50
C PHE B 23 -13.54 -11.99 -1.24
N VAL B 24 -13.90 -11.18 -0.26
CA VAL B 24 -14.18 -11.68 1.08
C VAL B 24 -15.48 -11.11 1.62
N ILE B 25 -15.55 -9.80 1.70
CA ILE B 25 -16.67 -9.11 2.34
C ILE B 25 -17.89 -9.08 1.43
N ASP B 26 -17.72 -8.74 0.16
CA ASP B 26 -18.82 -8.65 -0.79
C ASP B 26 -18.78 -9.76 -1.84
N VAL B 27 -18.10 -10.87 -1.52
CA VAL B 27 -17.85 -11.96 -2.48
C VAL B 27 -19.10 -12.71 -2.94
N ASP B 28 -20.11 -12.78 -2.09
CA ASP B 28 -21.36 -13.43 -2.44
C ASP B 28 -22.18 -12.60 -3.43
N THR B 29 -21.82 -11.33 -3.60
CA THR B 29 -22.45 -10.44 -4.56
C THR B 29 -21.61 -10.29 -5.84
N VAL B 30 -20.28 -10.35 -5.69
CA VAL B 30 -19.37 -10.06 -6.80
C VAL B 30 -19.08 -11.30 -7.66
N LEU B 31 -18.76 -12.43 -7.02
CA LEU B 31 -18.21 -13.60 -7.72
C LEU B 31 -19.07 -14.16 -8.86
N PRO B 32 -20.39 -14.29 -8.64
CA PRO B 32 -21.32 -14.54 -9.75
C PRO B 32 -21.19 -13.58 -10.92
N LYS B 33 -21.12 -12.27 -10.64
CA LYS B 33 -20.99 -11.27 -11.70
C LYS B 33 -19.69 -11.41 -12.50
N ALA B 34 -18.60 -11.68 -11.78
CA ALA B 34 -17.27 -11.83 -12.40
C ALA B 34 -16.89 -13.30 -12.63
N ALA B 35 -17.88 -14.17 -12.80
CA ALA B 35 -17.70 -15.59 -13.14
C ALA B 35 -19.05 -16.34 -12.99
N PRO B 36 -20.01 -16.06 -13.91
CA PRO B 36 -21.31 -16.72 -13.81
C PRO B 36 -21.25 -18.23 -14.02
N GLY B 37 -20.36 -18.67 -14.91
CA GLY B 37 -20.26 -20.08 -15.30
C GLY B 37 -19.26 -20.90 -14.52
N ALA B 38 -18.71 -20.34 -13.45
CA ALA B 38 -17.75 -21.06 -12.63
C ALA B 38 -18.45 -21.90 -11.55
N TYR B 39 -19.73 -21.62 -11.27
CA TYR B 39 -20.45 -22.28 -10.17
C TYR B 39 -21.98 -22.19 -10.37
N LYS B 40 -22.67 -23.32 -10.14
CA LYS B 40 -24.08 -23.48 -10.52
C LYS B 40 -25.08 -22.80 -9.57
N SER B 41 -24.90 -22.97 -8.25
CA SER B 41 -25.75 -22.29 -7.24
C SER B 41 -25.00 -22.18 -5.89
N VAL B 42 -25.51 -21.33 -4.99
CA VAL B 42 -24.88 -21.12 -3.67
C VAL B 42 -25.90 -20.83 -2.56
N GLU B 43 -25.90 -21.69 -1.53
CA GLU B 43 -26.61 -21.46 -0.27
C GLU B 43 -25.59 -21.16 0.84
N ILE B 44 -25.96 -20.25 1.75
CA ILE B 44 -25.05 -19.78 2.81
C ILE B 44 -25.75 -19.76 4.18
N LYS B 45 -25.41 -20.70 5.06
CA LYS B 45 -25.94 -20.70 6.42
C LYS B 45 -24.96 -19.96 7.34
N GLY B 46 -25.41 -18.86 7.94
CA GLY B 46 -24.58 -18.05 8.85
C GLY B 46 -24.55 -16.59 8.45
N ASP B 47 -24.27 -15.70 9.40
CA ASP B 47 -24.25 -14.25 9.13
C ASP B 47 -23.24 -13.86 8.06
N GLY B 48 -22.05 -14.45 8.12
CA GLY B 48 -20.97 -14.11 7.18
C GLY B 48 -19.58 -14.19 7.81
N GLY B 49 -19.51 -13.93 9.12
CA GLY B 49 -18.28 -14.11 9.90
C GLY B 49 -18.00 -15.57 10.23
N PRO B 50 -17.00 -15.82 11.09
CA PRO B 50 -16.62 -17.18 11.52
C PRO B 50 -17.82 -18.10 11.80
N GLY B 51 -17.71 -19.36 11.38
CA GLY B 51 -18.77 -20.33 11.56
C GLY B 51 -19.73 -20.43 10.38
N THR B 52 -19.68 -19.45 9.49
CA THR B 52 -20.59 -19.40 8.36
C THR B 52 -20.25 -20.51 7.36
N LEU B 53 -21.27 -21.25 6.94
CA LEU B 53 -21.12 -22.30 5.94
C LEU B 53 -21.52 -21.78 4.57
N LYS B 54 -20.79 -22.21 3.55
CA LYS B 54 -21.17 -21.92 2.17
C LYS B 54 -21.15 -23.26 1.42
N ILE B 55 -22.34 -23.76 1.11
CA ILE B 55 -22.49 -24.96 0.27
C ILE B 55 -22.57 -24.53 -1.18
N ILE B 56 -21.56 -24.93 -1.96
CA ILE B 56 -21.43 -24.55 -3.37
C ILE B 56 -21.70 -25.77 -4.29
N THR B 57 -22.28 -25.49 -5.46
CA THR B 57 -22.48 -26.51 -6.50
C THR B 57 -21.79 -26.03 -7.79
N LEU B 58 -21.10 -26.92 -8.49
CA LEU B 58 -20.29 -26.55 -9.67
C LEU B 58 -21.04 -26.89 -10.97
N PRO B 59 -20.59 -26.32 -12.11
CA PRO B 59 -21.20 -26.63 -13.41
C PRO B 59 -21.35 -28.13 -13.65
N ASP B 60 -22.36 -28.52 -14.43
CA ASP B 60 -22.72 -29.92 -14.64
C ASP B 60 -21.58 -30.84 -15.09
N GLY B 61 -20.95 -30.49 -16.21
CA GLY B 61 -20.02 -31.38 -16.88
C GLY B 61 -18.57 -31.18 -16.52
N GLY B 62 -18.27 -31.17 -15.22
CA GLY B 62 -16.89 -31.03 -14.74
C GLY B 62 -16.43 -32.22 -13.94
N PRO B 63 -15.18 -32.17 -13.42
CA PRO B 63 -14.69 -33.20 -12.48
C PRO B 63 -15.42 -33.17 -11.15
N ILE B 64 -15.31 -32.06 -10.43
CA ILE B 64 -15.90 -31.90 -9.08
C ILE B 64 -17.27 -31.23 -9.13
N THR B 65 -18.19 -31.70 -8.29
CA THR B 65 -19.58 -31.25 -8.28
C THR B 65 -19.91 -30.34 -7.08
N THR B 66 -19.44 -30.74 -5.89
CA THR B 66 -19.80 -30.05 -4.65
C THR B 66 -18.57 -29.72 -3.80
N MET B 67 -18.65 -28.60 -3.07
CA MET B 67 -17.67 -28.26 -2.05
C MET B 67 -18.32 -27.38 -0.99
N THR B 68 -18.00 -27.61 0.28
CA THR B 68 -18.55 -26.84 1.39
C THR B 68 -17.42 -26.12 2.10
N LEU B 69 -17.65 -24.85 2.38
CA LEU B 69 -16.65 -24.01 3.04
C LEU B 69 -17.16 -23.59 4.40
N ARG B 70 -16.30 -23.63 5.40
CA ARG B 70 -16.52 -22.93 6.66
C ARG B 70 -15.51 -21.78 6.76
N ILE B 71 -16.00 -20.61 7.15
CA ILE B 71 -15.16 -19.45 7.37
C ILE B 71 -14.61 -19.53 8.78
N ASP B 72 -13.28 -19.46 8.88
CA ASP B 72 -12.58 -19.60 10.16
C ASP B 72 -12.26 -18.25 10.79
N GLY B 73 -11.89 -17.28 9.96
CA GLY B 73 -11.60 -15.93 10.44
C GLY B 73 -11.57 -14.90 9.33
N VAL B 74 -11.96 -13.69 9.68
CA VAL B 74 -11.91 -12.53 8.79
C VAL B 74 -11.35 -11.36 9.57
N ASN B 75 -10.18 -10.88 9.18
CA ASN B 75 -9.62 -9.70 9.82
C ASN B 75 -9.52 -8.55 8.82
N LYS B 76 -10.48 -7.64 8.91
CA LYS B 76 -10.57 -6.50 7.98
C LYS B 76 -9.34 -5.61 8.11
N GLU B 77 -8.91 -5.37 9.34
CA GLU B 77 -7.75 -4.54 9.63
C GLU B 77 -6.44 -5.18 9.20
N ALA B 78 -6.39 -6.51 9.19
CA ALA B 78 -5.16 -7.22 8.86
C ALA B 78 -5.13 -7.67 7.41
N LEU B 79 -6.26 -7.55 6.72
CA LEU B 79 -6.42 -8.11 5.36
C LEU B 79 -6.04 -9.59 5.37
N THR B 80 -6.69 -10.33 6.25
CA THR B 80 -6.42 -11.73 6.47
C THR B 80 -7.77 -12.43 6.38
N PHE B 81 -7.77 -13.65 5.87
CA PHE B 81 -9.01 -14.40 5.66
C PHE B 81 -8.70 -15.87 5.74
N ASP B 82 -9.43 -16.58 6.59
CA ASP B 82 -9.17 -17.99 6.83
C ASP B 82 -10.42 -18.81 6.58
N TYR B 83 -10.28 -19.87 5.79
CA TYR B 83 -11.42 -20.73 5.49
C TYR B 83 -10.96 -22.17 5.22
N SER B 84 -11.80 -23.14 5.58
CA SER B 84 -11.51 -24.55 5.36
C SER B 84 -12.56 -25.17 4.45
N VAL B 85 -12.14 -26.14 3.64
CA VAL B 85 -13.08 -27.01 2.93
C VAL B 85 -13.31 -28.21 3.84
N ILE B 86 -14.57 -28.46 4.17
CA ILE B 86 -14.92 -29.48 5.16
C ILE B 86 -15.78 -30.64 4.62
N ASP B 87 -16.30 -30.48 3.41
CA ASP B 87 -17.27 -31.42 2.84
C ASP B 87 -17.34 -31.25 1.31
N GLY B 88 -17.93 -32.22 0.63
CA GLY B 88 -18.08 -32.20 -0.82
C GLY B 88 -17.10 -33.13 -1.50
N ASP B 89 -17.35 -33.45 -2.77
CA ASP B 89 -16.54 -34.44 -3.47
C ASP B 89 -15.22 -33.88 -4.03
N ILE B 90 -14.92 -32.61 -3.73
CA ILE B 90 -13.58 -32.05 -4.00
C ILE B 90 -12.51 -32.67 -3.11
N LEU B 91 -12.95 -33.28 -2.01
CA LEU B 91 -12.05 -34.00 -1.11
C LEU B 91 -11.74 -35.40 -1.62
N LEU B 92 -12.34 -35.79 -2.74
CA LEU B 92 -12.12 -37.12 -3.31
C LEU B 92 -12.51 -38.15 -2.24
N GLY B 93 -11.68 -39.19 -2.06
CA GLY B 93 -11.85 -40.10 -0.93
C GLY B 93 -10.92 -39.78 0.21
N PHE B 94 -9.68 -39.38 -0.12
CA PHE B 94 -8.60 -39.35 0.85
C PHE B 94 -8.67 -38.17 1.82
N ILE B 95 -9.01 -36.99 1.31
CA ILE B 95 -8.75 -35.72 2.01
C ILE B 95 -9.79 -35.43 3.09
N GLU B 96 -9.32 -35.27 4.33
CA GLU B 96 -10.19 -34.97 5.47
C GLU B 96 -10.67 -33.52 5.42
N SER B 97 -9.74 -32.59 5.17
CA SER B 97 -10.07 -31.18 4.99
C SER B 97 -8.92 -30.39 4.36
N ILE B 98 -9.25 -29.23 3.78
CA ILE B 98 -8.27 -28.31 3.24
C ILE B 98 -8.30 -27.03 4.07
N GLU B 99 -7.19 -26.72 4.73
CA GLU B 99 -7.08 -25.52 5.57
C GLU B 99 -6.41 -24.39 4.78
N ASN B 100 -7.14 -23.32 4.51
CA ASN B 100 -6.62 -22.20 3.72
C ASN B 100 -6.49 -20.91 4.52
N HIS B 101 -5.45 -20.15 4.21
CA HIS B 101 -5.18 -18.87 4.84
C HIS B 101 -4.73 -17.88 3.79
N VAL B 102 -5.47 -16.81 3.58
CA VAL B 102 -5.10 -15.83 2.56
C VAL B 102 -4.63 -14.53 3.22
N VAL B 103 -3.59 -13.93 2.64
CA VAL B 103 -3.00 -12.70 3.15
C VAL B 103 -2.84 -11.69 2.00
N LEU B 104 -3.47 -10.52 2.13
CA LEU B 104 -3.24 -9.39 1.22
C LEU B 104 -2.17 -8.47 1.79
N VAL B 105 -1.26 -8.04 0.93
CA VAL B 105 -0.18 -7.14 1.31
C VAL B 105 -0.14 -6.00 0.29
N PRO B 106 -0.14 -4.73 0.75
CA PRO B 106 -0.05 -3.63 -0.21
C PRO B 106 1.35 -3.48 -0.77
N THR B 107 1.45 -3.03 -2.02
CA THR B 107 2.73 -2.76 -2.67
C THR B 107 2.91 -1.26 -2.94
N ALA B 108 4.12 -0.87 -3.28
CA ALA B 108 4.49 0.53 -3.44
C ALA B 108 3.90 1.16 -4.72
N ASP B 109 3.62 0.34 -5.74
CA ASP B 109 3.02 0.83 -6.98
C ASP B 109 1.52 1.14 -6.85
N GLY B 110 0.92 0.80 -5.70
CA GLY B 110 -0.51 1.04 -5.44
C GLY B 110 -1.36 -0.20 -5.65
N GLY B 111 -0.69 -1.33 -5.87
CA GLY B 111 -1.36 -2.59 -6.07
C GLY B 111 -1.15 -3.50 -4.88
N SER B 112 -1.21 -4.80 -5.10
CA SER B 112 -1.28 -5.73 -4.00
C SER B 112 -0.65 -7.05 -4.37
N ILE B 113 -0.42 -7.88 -3.37
CA ILE B 113 -0.04 -9.27 -3.56
C ILE B 113 -1.00 -10.10 -2.73
N CYS B 114 -1.62 -11.10 -3.35
CA CYS B 114 -2.46 -12.03 -2.62
C CYS B 114 -1.64 -13.31 -2.49
N LYS B 115 -1.32 -13.69 -1.25
CA LYS B 115 -0.69 -14.96 -0.93
C LYS B 115 -1.75 -15.82 -0.26
N THR B 116 -2.09 -16.95 -0.88
CA THR B 116 -2.97 -17.95 -0.25
C THR B 116 -2.18 -19.22 0.01
N THR B 117 -2.38 -19.77 1.20
CA THR B 117 -1.63 -20.92 1.68
C THR B 117 -2.63 -22.02 2.02
N ALA B 118 -2.63 -23.09 1.23
CA ALA B 118 -3.53 -24.21 1.44
C ALA B 118 -2.79 -25.34 2.17
N ILE B 119 -3.45 -25.96 3.15
CA ILE B 119 -2.88 -27.06 3.91
C ILE B 119 -3.85 -28.23 3.84
N PHE B 120 -3.48 -29.24 3.06
CA PHE B 120 -4.31 -30.43 2.87
C PHE B 120 -4.06 -31.40 4.03
N HIS B 121 -5.14 -31.80 4.69
CA HIS B 121 -5.07 -32.80 5.74
C HIS B 121 -5.57 -34.13 5.17
N THR B 122 -4.66 -35.08 4.98
CA THR B 122 -5.04 -36.41 4.51
C THR B 122 -4.69 -37.51 5.49
N LYS B 123 -5.21 -38.71 5.23
CA LYS B 123 -5.05 -39.86 6.11
C LYS B 123 -3.85 -40.66 5.64
N GLY B 124 -3.06 -41.17 6.59
CA GLY B 124 -1.85 -41.92 6.26
C GLY B 124 -0.77 -41.01 5.70
N ASP B 125 -1.38 -40.68 6.00
CA ASP B 125 -0.64 -40.16 4.97
C ASP B 125 -0.52 -41.08 3.81
N ALA B 126 -1.43 -40.47 3.11
CA ALA B 126 -1.92 -40.65 1.86
C ALA B 126 -1.32 -39.52 1.14
N VAL B 127 -2.27 -39.43 0.32
CA VAL B 127 -1.38 -38.47 -0.36
C VAL B 127 -2.07 -37.84 -1.59
N VAL B 128 -1.67 -36.63 -1.93
CA VAL B 128 -2.37 -35.78 -2.91
C VAL B 128 -1.57 -35.55 -4.23
N PRO B 129 -2.02 -36.16 -5.35
CA PRO B 129 -1.35 -36.05 -6.65
C PRO B 129 -1.11 -34.63 -7.12
N GLU B 130 -0.11 -34.49 -7.99
CA GLU B 130 0.37 -33.19 -8.43
C GLU B 130 -0.48 -32.61 -9.57
N GLU B 131 -1.12 -33.49 -10.33
CA GLU B 131 -2.09 -33.08 -11.35
C GLU B 131 -3.36 -32.52 -10.73
N ASN B 132 -3.58 -32.82 -9.45
CA ASN B 132 -4.70 -32.26 -8.69
C ASN B 132 -4.38 -30.89 -8.11
N ILE B 133 -3.18 -30.74 -7.56
CA ILE B 133 -2.73 -29.45 -7.05
C ILE B 133 -2.62 -28.46 -8.21
N LYS B 134 -2.07 -28.93 -9.33
CA LYS B 134 -1.87 -28.07 -10.50
C LYS B 134 -3.20 -27.59 -11.10
N TYR B 135 -4.20 -28.46 -11.10
CA TYR B 135 -5.53 -28.10 -11.59
C TYR B 135 -6.11 -26.97 -10.77
N ALA B 136 -5.90 -27.02 -9.46
CA ALA B 136 -6.39 -25.98 -8.56
C ALA B 136 -5.69 -24.65 -8.75
N ASN B 137 -4.39 -24.66 -9.09
CA ASN B 137 -3.67 -23.39 -9.36
C ASN B 137 -4.17 -22.75 -10.65
N GLU B 138 -4.19 -23.56 -11.70
CA GLU B 138 -4.78 -23.20 -12.98
C GLU B 138 -6.12 -22.50 -12.76
N GLN B 139 -7.01 -23.18 -12.04
CA GLN B 139 -8.40 -22.73 -11.83
C GLN B 139 -8.48 -21.50 -10.94
N ASN B 140 -7.84 -21.56 -9.79
CA ASN B 140 -7.88 -20.47 -8.80
C ASN B 140 -7.33 -19.15 -9.32
N THR B 141 -6.29 -19.25 -10.15
CA THR B 141 -5.75 -18.09 -10.84
C THR B 141 -6.78 -17.48 -11.78
N ALA B 142 -7.43 -18.32 -12.59
CA ALA B 142 -8.48 -17.87 -13.51
C ALA B 142 -9.56 -17.07 -12.77
N LEU B 143 -9.99 -17.60 -11.62
CA LEU B 143 -11.03 -16.97 -10.83
C LEU B 143 -10.56 -15.60 -10.34
N PHE B 144 -9.34 -15.57 -9.82
CA PHE B 144 -8.74 -14.32 -9.36
C PHE B 144 -8.71 -13.26 -10.46
N LYS B 145 -8.19 -13.64 -11.64
CA LYS B 145 -8.14 -12.74 -12.78
C LYS B 145 -9.53 -12.25 -13.22
N ALA B 146 -10.53 -13.14 -13.12
CA ALA B 146 -11.90 -12.80 -13.50
C ALA B 146 -12.48 -11.77 -12.53
N LEU B 147 -12.24 -11.99 -11.23
CA LEU B 147 -12.55 -10.99 -10.20
C LEU B 147 -11.87 -9.66 -10.54
N GLU B 148 -10.54 -9.70 -10.53
CA GLU B 148 -9.70 -8.55 -10.86
C GLU B 148 -10.20 -7.73 -12.04
N ALA B 149 -10.59 -8.41 -13.11
CA ALA B 149 -11.12 -7.72 -14.28
C ALA B 149 -12.37 -6.94 -13.91
N TYR B 150 -13.29 -7.61 -13.22
CA TYR B 150 -14.53 -6.98 -12.79
C TYR B 150 -14.32 -5.77 -11.87
N LEU B 151 -13.33 -5.85 -11.00
CA LEU B 151 -13.00 -4.74 -10.10
C LEU B 151 -12.45 -3.53 -10.85
N ILE B 152 -11.59 -3.79 -11.84
CA ILE B 152 -11.01 -2.71 -12.63
C ILE B 152 -12.11 -2.02 -13.42
N ALA B 153 -13.10 -2.80 -13.86
CA ALA B 153 -14.21 -2.26 -14.65
C ALA B 153 -15.17 -1.46 -13.78
N ASN B 154 -15.29 -1.87 -12.52
CA ASN B 154 -16.26 -1.30 -11.58
C ASN B 154 -15.55 -0.48 -10.50
#